data_2B4B
#
_entry.id   2B4B
#
_cell.length_a   73.809
_cell.length_b   73.809
_cell.length_c   64.083
_cell.angle_alpha   90.00
_cell.angle_beta   90.00
_cell.angle_gamma   90.00
#
_symmetry.space_group_name_H-M   'P 43'
#
loop_
_entity.id
_entity.type
_entity.pdbx_description
1 polymer 'Diamine acetyltransferase 1'
2 non-polymer 'COENZYME A'
3 non-polymer N-ETHYL-N-[3-(PROPYLAMINO)PROPYL]PROPANE-1,3-DIAMINE
4 water water
#
_entity_poly.entity_id   1
_entity_poly.type   'polypeptide(L)'
_entity_poly.pdbx_seq_one_letter_code
;(MSE)AKFVIRPATAADCSDILRLIKELARYEY(MSE)EEQVILTEKDLLEDGFGEHPFYHCLVAEVPKEHWTPEGHSIV
GFA(MSE)YYFTYDPWIGKLLYLEDFFV(MSE)SDYRGFGIGSEILKNLSQVA(MSE)RCRCSS(MSE)HFLVAEWNEPS
INFYKRRGASDLSSEEGWRLFKIDKEYLLK(MSE)ATEE
;
_entity_poly.pdbx_strand_id   A,B
#
# COMPACT_ATOMS: atom_id res chain seq x y z
N PHE A 4 -0.51 26.36 15.58
CA PHE A 4 -0.01 25.58 14.42
C PHE A 4 -1.17 25.19 13.52
N VAL A 5 -0.92 25.14 12.23
CA VAL A 5 -1.97 24.77 11.29
C VAL A 5 -1.55 23.63 10.37
N ILE A 6 -2.48 22.73 10.12
CA ILE A 6 -2.21 21.61 9.24
C ILE A 6 -2.88 21.95 7.92
N ARG A 7 -2.12 21.85 6.83
CA ARG A 7 -2.63 22.14 5.50
C ARG A 7 -1.90 21.25 4.52
N PRO A 8 -2.49 21.05 3.32
CA PRO A 8 -1.84 20.21 2.32
C PRO A 8 -0.65 20.98 1.80
N ALA A 9 0.34 20.27 1.30
CA ALA A 9 1.55 20.91 0.81
C ALA A 9 1.38 21.72 -0.46
N THR A 10 2.44 22.44 -0.78
CA THR A 10 2.54 23.29 -1.95
C THR A 10 3.89 22.97 -2.58
N ALA A 11 3.98 23.10 -3.89
CA ALA A 11 5.22 22.83 -4.61
C ALA A 11 6.42 23.51 -3.97
N ALA A 12 6.17 24.59 -3.25
CA ALA A 12 7.24 25.33 -2.59
C ALA A 12 7.56 24.75 -1.20
N ASP A 13 6.73 23.83 -0.73
CA ASP A 13 6.94 23.20 0.57
C ASP A 13 7.96 22.06 0.40
N CYS A 14 8.35 21.81 -0.85
CA CYS A 14 9.27 20.74 -1.20
C CYS A 14 10.58 20.64 -0.43
N SER A 15 11.30 21.75 -0.25
CA SER A 15 12.56 21.66 0.47
C SER A 15 12.34 21.27 1.94
N ASP A 16 11.28 21.79 2.56
CA ASP A 16 11.01 21.45 3.94
C ASP A 16 10.61 19.97 4.07
N ILE A 17 9.86 19.50 3.07
CA ILE A 17 9.40 18.13 3.06
C ILE A 17 10.57 17.16 2.98
N LEU A 18 11.52 17.45 2.09
CA LEU A 18 12.69 16.58 1.94
C LEU A 18 13.46 16.56 3.23
N ARG A 19 13.60 17.74 3.82
CA ARG A 19 14.29 17.90 5.09
C ARG A 19 13.68 17.02 6.16
N LEU A 20 12.35 17.03 6.26
CA LEU A 20 11.66 16.24 7.26
C LEU A 20 11.72 14.75 6.93
N ILE A 21 11.68 14.42 5.66
CA ILE A 21 11.76 13.03 5.27
C ILE A 21 13.11 12.53 5.77
N LYS A 22 14.16 13.33 5.61
CA LYS A 22 15.48 12.92 6.05
C LYS A 22 15.57 12.85 7.56
N GLU A 23 14.90 13.76 8.27
CA GLU A 23 14.93 13.68 9.73
C GLU A 23 14.22 12.37 10.14
N LEU A 24 13.16 12.02 9.45
CA LEU A 24 12.44 10.78 9.76
C LEU A 24 13.30 9.55 9.47
N ALA A 25 13.94 9.55 8.31
CA ALA A 25 14.80 8.43 7.91
C ALA A 25 15.84 8.25 9.01
N ARG A 26 16.45 9.36 9.43
CA ARG A 26 17.45 9.33 10.48
C ARG A 26 16.84 8.65 11.70
N TYR A 27 15.64 9.08 12.09
CA TYR A 27 14.93 8.51 13.23
C TYR A 27 14.71 7.01 13.03
N GLU A 28 14.63 6.59 11.77
CA GLU A 28 14.40 5.17 11.48
C GLU A 28 15.68 4.45 11.05
N TYR A 29 16.83 5.07 11.24
CA TYR A 29 18.12 4.51 10.83
C TYR A 29 18.13 4.19 9.37
N GLU A 31 18.45 6.91 7.05
CA GLU A 31 18.92 8.12 6.38
C GLU A 31 19.78 7.95 5.13
N GLU A 32 20.76 7.04 5.16
CA GLU A 32 21.64 6.85 4.01
C GLU A 32 20.93 6.28 2.80
N GLN A 33 19.84 5.57 3.01
CA GLN A 33 19.13 4.98 1.90
C GLN A 33 18.08 5.89 1.24
N VAL A 34 17.99 7.14 1.69
CA VAL A 34 17.02 8.05 1.11
C VAL A 34 17.39 8.34 -0.33
N ILE A 35 16.43 8.11 -1.22
CA ILE A 35 16.64 8.31 -2.64
C ILE A 35 15.74 9.37 -3.28
N LEU A 36 14.93 10.01 -2.46
CA LEU A 36 14.05 11.05 -2.97
C LEU A 36 14.81 12.38 -3.11
N THR A 37 14.55 13.12 -4.19
CA THR A 37 15.16 14.45 -4.43
C THR A 37 14.03 15.49 -4.51
N GLU A 38 14.39 16.77 -4.43
CA GLU A 38 13.37 17.83 -4.52
C GLU A 38 12.72 17.75 -5.88
N LYS A 39 13.52 17.41 -6.88
CA LYS A 39 13.03 17.26 -8.24
C LYS A 39 11.98 16.15 -8.26
N ASP A 40 12.32 15.00 -7.70
CA ASP A 40 11.39 13.85 -7.67
C ASP A 40 10.10 14.21 -6.96
N LEU A 41 10.26 14.86 -5.81
CA LEU A 41 9.15 15.31 -4.96
C LEU A 41 8.19 16.24 -5.70
N LEU A 42 8.76 17.17 -6.44
CA LEU A 42 7.96 18.13 -7.18
C LEU A 42 7.17 17.45 -8.30
N GLU A 43 7.81 16.53 -9.01
CA GLU A 43 7.13 15.82 -10.10
C GLU A 43 6.08 14.86 -9.56
N ASP A 44 6.50 13.96 -8.68
CA ASP A 44 5.63 12.94 -8.08
C ASP A 44 4.55 13.43 -7.14
N GLY A 45 4.81 14.53 -6.43
CA GLY A 45 3.83 15.01 -5.48
C GLY A 45 2.81 16.00 -6.01
N PHE A 46 3.08 16.57 -7.16
CA PHE A 46 2.17 17.56 -7.73
C PHE A 46 1.46 17.26 -8.62
N GLY A 47 0.36 18.01 -8.47
CA GLY A 47 -0.61 18.21 -9.55
C GLY A 47 -0.16 18.30 -10.99
N GLU A 48 -0.57 17.32 -11.79
CA GLU A 48 -0.05 16.29 -12.69
C GLU A 48 -0.82 14.96 -12.67
N HIS A 49 -0.43 13.71 -12.93
CA HIS A 49 -0.98 12.56 -12.22
C HIS A 49 -0.14 12.40 -10.96
N PRO A 50 -0.67 12.86 -9.81
CA PRO A 50 0.03 12.78 -8.51
C PRO A 50 0.11 11.41 -7.85
N PHE A 51 1.33 10.93 -7.69
CA PHE A 51 1.60 9.63 -7.09
C PHE A 51 1.25 9.58 -5.59
N TYR A 52 1.69 10.58 -4.83
CA TYR A 52 1.39 10.65 -3.41
C TYR A 52 0.95 12.05 -3.02
N HIS A 53 0.56 12.21 -1.77
CA HIS A 53 0.05 13.47 -1.23
C HIS A 53 0.72 13.80 0.11
N CYS A 54 1.07 15.06 0.31
CA CYS A 54 1.70 15.43 1.58
C CYS A 54 0.93 16.50 2.33
N LEU A 55 1.03 16.45 3.65
CA LEU A 55 0.41 17.43 4.53
C LEU A 55 1.58 18.00 5.31
N VAL A 56 1.48 19.26 5.71
CA VAL A 56 2.54 19.89 6.47
C VAL A 56 1.92 20.68 7.63
N ALA A 57 2.66 20.74 8.74
CA ALA A 57 2.24 21.44 9.93
C ALA A 57 3.20 22.61 10.11
N GLU A 58 2.66 23.82 10.17
CA GLU A 58 3.47 25.03 10.33
C GLU A 58 3.06 25.84 11.53
N VAL A 59 4.06 26.30 12.27
CA VAL A 59 3.84 27.07 13.48
C VAL A 59 4.05 28.56 13.22
N PRO A 60 3.53 29.41 14.12
CA PRO A 60 3.70 30.86 13.97
C PRO A 60 5.13 31.28 14.31
N LYS A 61 5.50 32.49 13.89
CA LYS A 61 6.83 33.05 14.11
C LYS A 61 7.50 32.76 15.46
N GLU A 62 6.77 33.00 16.54
CA GLU A 62 7.29 32.79 17.88
C GLU A 62 7.88 31.40 18.16
N HIS A 63 7.52 30.42 17.35
CA HIS A 63 8.04 29.08 17.58
C HIS A 63 8.77 28.47 16.39
N TRP A 64 9.07 29.28 15.39
CA TRP A 64 9.80 28.81 14.21
C TRP A 64 11.10 28.15 14.65
N THR A 65 11.79 27.52 13.72
CA THR A 65 13.02 26.81 14.04
C THR A 65 14.24 27.73 13.99
N PRO A 66 15.32 27.36 14.70
CA PRO A 66 16.50 28.22 14.67
C PRO A 66 16.79 28.69 13.23
N GLU A 67 16.44 27.87 12.24
CA GLU A 67 16.68 28.21 10.84
C GLU A 67 15.53 28.94 10.18
N GLY A 68 14.57 29.41 10.97
CA GLY A 68 13.41 30.13 10.42
C GLY A 68 12.39 29.22 9.76
N HIS A 69 12.63 27.91 9.77
CA HIS A 69 11.66 27.01 9.18
C HIS A 69 10.41 27.06 10.04
N SER A 70 9.26 27.23 9.40
CA SER A 70 8.00 27.25 10.11
C SER A 70 7.37 25.85 10.02
N ILE A 71 7.66 25.16 8.91
CA ILE A 71 7.14 23.81 8.69
C ILE A 71 7.90 22.86 9.58
N VAL A 72 7.18 22.30 10.53
CA VAL A 72 7.83 21.42 11.47
C VAL A 72 7.28 20.03 11.47
N GLY A 73 6.34 19.74 10.60
CA GLY A 73 5.79 18.40 10.61
C GLY A 73 5.19 18.05 9.27
N PHE A 74 4.92 16.76 9.05
CA PHE A 74 4.33 16.35 7.79
C PHE A 74 3.85 14.91 7.81
N ALA A 75 3.01 14.59 6.82
CA ALA A 75 2.47 13.26 6.66
C ALA A 75 2.48 13.00 5.17
N TYR A 77 1.06 10.35 2.21
CA TYR A 77 0.14 9.24 2.03
C TYR A 77 -0.31 8.95 0.61
N TYR A 78 -0.91 7.79 0.43
CA TYR A 78 -1.45 7.44 -0.85
C TYR A 78 -2.59 6.46 -0.64
N PHE A 79 -3.33 6.18 -1.70
CA PHE A 79 -4.44 5.27 -1.59
C PHE A 79 -4.05 3.89 -2.08
N THR A 80 -4.56 2.90 -1.39
CA THR A 80 -4.29 1.52 -1.75
C THR A 80 -5.63 0.79 -1.83
N TYR A 81 -5.61 -0.51 -2.07
CA TYR A 81 -6.85 -1.28 -2.20
C TYR A 81 -6.77 -2.64 -1.52
N ASP A 82 -7.88 -3.03 -0.90
CA ASP A 82 -8.03 -4.29 -0.16
C ASP A 82 -9.24 -5.01 -0.78
N PRO A 83 -9.07 -6.22 -1.32
CA PRO A 83 -10.17 -6.98 -1.93
C PRO A 83 -11.39 -7.21 -1.03
N TRP A 84 -11.23 -7.14 0.28
CA TRP A 84 -12.37 -7.35 1.17
C TRP A 84 -13.23 -6.05 1.34
N ILE A 85 -12.59 -4.93 1.64
CA ILE A 85 -13.31 -3.66 1.85
C ILE A 85 -13.00 -2.49 0.91
N GLY A 86 -12.13 -2.70 -0.08
CA GLY A 86 -11.86 -1.63 -1.02
C GLY A 86 -10.79 -0.61 -0.74
N LYS A 87 -11.04 0.62 -1.18
CA LYS A 87 -10.11 1.73 -1.05
C LYS A 87 -9.66 2.01 0.39
N LEU A 88 -8.34 2.01 0.59
CA LEU A 88 -7.73 2.31 1.90
C LEU A 88 -6.82 3.52 1.76
N LEU A 89 -6.61 4.22 2.87
CA LEU A 89 -5.69 5.35 2.87
C LEU A 89 -4.42 4.73 3.46
N TYR A 90 -3.29 4.93 2.82
CA TYR A 90 -2.05 4.37 3.31
C TYR A 90 -1.12 5.48 3.75
N LEU A 91 -0.71 5.46 5.00
CA LEU A 91 0.14 6.52 5.51
C LEU A 91 1.59 6.06 5.39
N GLU A 92 2.32 6.66 4.44
CA GLU A 92 3.70 6.28 4.20
C GLU A 92 4.69 6.87 5.21
N ASP A 93 4.60 8.18 5.48
CA ASP A 93 5.51 8.84 6.42
C ASP A 93 4.71 9.82 7.27
N PHE A 94 5.11 9.96 8.52
CA PHE A 94 4.42 10.84 9.47
C PHE A 94 5.52 11.24 10.47
N PHE A 95 5.77 12.53 10.58
CA PHE A 95 6.84 12.95 11.44
C PHE A 95 6.66 14.33 12.00
N VAL A 96 7.09 14.51 13.25
CA VAL A 96 7.05 15.83 13.89
C VAL A 96 8.39 16.04 14.62
N SER A 98 11.40 16.72 17.03
CA SER A 98 11.50 16.44 18.46
C SER A 98 10.95 17.49 19.43
N ASP A 99 11.41 18.73 19.28
CA ASP A 99 10.99 19.82 20.16
C ASP A 99 9.53 20.18 20.00
N TYR A 100 8.95 19.80 18.87
CA TYR A 100 7.55 20.12 18.59
C TYR A 100 6.54 19.01 18.85
N ARG A 101 6.95 17.93 19.50
CA ARG A 101 6.00 16.87 19.80
C ARG A 101 5.24 17.15 21.11
N GLY A 102 4.20 16.38 21.37
CA GLY A 102 3.40 16.54 22.58
C GLY A 102 2.59 17.84 22.66
N PHE A 103 2.60 18.60 21.58
CA PHE A 103 1.88 19.87 21.44
C PHE A 103 0.44 19.60 20.93
N GLY A 104 0.28 18.46 20.26
CA GLY A 104 -1.00 18.08 19.69
C GLY A 104 -0.95 18.15 18.17
N ILE A 105 0.21 18.49 17.63
CA ILE A 105 0.40 18.62 16.20
C ILE A 105 0.08 17.33 15.42
N GLY A 106 0.67 16.23 15.88
CA GLY A 106 0.43 14.95 15.26
C GLY A 106 -1.03 14.58 15.27
N SER A 107 -1.73 14.93 16.35
CA SER A 107 -3.15 14.62 16.48
C SER A 107 -3.94 15.32 15.38
N GLU A 108 -3.55 16.56 15.08
CA GLU A 108 -4.20 17.34 14.05
C GLU A 108 -3.98 16.73 12.68
N ILE A 109 -2.79 16.20 12.46
CA ILE A 109 -2.50 15.59 11.18
C ILE A 109 -3.35 14.34 11.02
N LEU A 110 -3.46 13.55 12.08
CA LEU A 110 -4.27 12.35 12.03
C LEU A 110 -5.74 12.73 11.84
N LYS A 111 -6.12 13.90 12.35
CA LYS A 111 -7.50 14.34 12.17
C LYS A 111 -7.75 14.68 10.71
N ASN A 112 -6.83 15.43 10.10
CA ASN A 112 -6.97 15.79 8.68
C ASN A 112 -6.93 14.54 7.79
N LEU A 113 -6.04 13.61 8.11
CA LEU A 113 -5.94 12.36 7.37
C LEU A 113 -7.27 11.59 7.47
N SER A 114 -7.91 11.61 8.63
CA SER A 114 -9.20 10.92 8.81
C SER A 114 -10.28 11.52 7.94
N GLN A 115 -10.23 12.84 7.78
CA GLN A 115 -11.22 13.51 6.96
C GLN A 115 -10.95 13.21 5.51
N VAL A 116 -9.68 13.11 5.15
CA VAL A 116 -9.34 12.77 3.79
C VAL A 116 -9.93 11.39 3.53
N ALA A 117 -9.75 10.51 4.51
CA ALA A 117 -10.24 9.15 4.41
C ALA A 117 -11.77 9.12 4.24
N ARG A 119 -13.76 11.55 3.21
CA ARG A 119 -14.11 12.21 1.95
C ARG A 119 -13.88 11.29 0.74
N CYS A 120 -12.77 10.56 0.74
CA CYS A 120 -12.45 9.65 -0.35
C CYS A 120 -13.04 8.26 -0.16
N ARG A 121 -13.92 8.10 0.83
CA ARG A 121 -14.53 6.82 1.11
C ARG A 121 -13.54 5.67 1.34
N CYS A 122 -12.55 5.87 2.20
CA CYS A 122 -11.59 4.81 2.52
C CYS A 122 -12.12 4.11 3.75
N SER A 123 -12.09 2.78 3.77
CA SER A 123 -12.60 2.06 4.92
C SER A 123 -11.62 1.86 6.05
N SER A 124 -10.34 2.18 5.82
CA SER A 124 -9.34 2.03 6.86
C SER A 124 -8.07 2.78 6.50
N HIS A 126 -3.86 2.28 6.79
CA HIS A 126 -2.82 1.34 7.12
C HIS A 126 -1.47 2.07 7.15
N PHE A 127 -0.54 1.54 7.94
CA PHE A 127 0.81 2.10 8.07
C PHE A 127 1.73 1.10 8.83
N LEU A 128 3.04 1.28 8.70
CA LEU A 128 4.01 0.44 9.40
C LEU A 128 4.63 1.21 10.54
N VAL A 129 5.00 0.48 11.57
CA VAL A 129 5.64 1.08 12.71
C VAL A 129 6.78 0.16 13.14
N ALA A 130 7.91 0.75 13.52
CA ALA A 130 9.06 0.01 13.96
C ALA A 130 8.73 -0.70 15.28
N GLU A 131 9.18 -1.94 15.41
CA GLU A 131 8.94 -2.76 16.61
C GLU A 131 9.24 -2.06 17.93
N TRP A 132 10.34 -1.33 17.98
CA TRP A 132 10.77 -0.65 19.19
C TRP A 132 10.27 0.79 19.37
N ASN A 133 9.44 1.27 18.45
CA ASN A 133 8.94 2.64 18.51
C ASN A 133 7.75 2.76 19.48
N GLU A 134 8.00 2.45 20.74
CA GLU A 134 7.00 2.47 21.80
C GLU A 134 6.09 3.69 21.81
N PRO A 135 6.68 4.88 21.76
CA PRO A 135 5.91 6.12 21.77
C PRO A 135 4.84 6.17 20.66
N SER A 136 5.24 5.85 19.44
CA SER A 136 4.30 5.88 18.34
C SER A 136 3.34 4.70 18.39
N ILE A 137 3.81 3.55 18.83
CA ILE A 137 2.94 2.39 18.93
C ILE A 137 1.75 2.75 19.85
N ASN A 138 2.00 3.53 20.90
CA ASN A 138 0.94 3.91 21.84
C ASN A 138 0.07 5.04 21.32
N PHE A 139 0.71 6.01 20.68
CA PHE A 139 0.00 7.13 20.10
C PHE A 139 -1.10 6.59 19.17
N TYR A 140 -0.77 5.59 18.37
CA TYR A 140 -1.73 5.03 17.43
C TYR A 140 -2.76 4.18 18.16
N LYS A 141 -2.31 3.32 19.06
CA LYS A 141 -3.22 2.48 19.79
C LYS A 141 -4.22 3.35 20.59
N ARG A 142 -3.75 4.47 21.13
CA ARG A 142 -4.64 5.34 21.90
C ARG A 142 -5.73 5.88 21.00
N ARG A 143 -5.51 5.79 19.70
CA ARG A 143 -6.49 6.30 18.80
C ARG A 143 -7.17 5.19 18.01
N GLY A 144 -7.21 4.01 18.62
CA GLY A 144 -7.89 2.85 18.05
C GLY A 144 -7.15 1.97 17.08
N ALA A 145 -5.84 2.10 16.98
CA ALA A 145 -5.11 1.27 16.03
C ALA A 145 -4.87 -0.13 16.58
N SER A 146 -4.76 -1.10 15.68
CA SER A 146 -4.49 -2.46 16.08
C SER A 146 -3.28 -2.89 15.28
N ASP A 147 -2.50 -3.79 15.86
CA ASP A 147 -1.29 -4.28 15.23
C ASP A 147 -1.69 -5.49 14.39
N LEU A 148 -1.91 -5.29 13.10
CA LEU A 148 -2.28 -6.39 12.22
C LEU A 148 -1.19 -7.48 12.14
N SER A 149 0.05 -7.12 12.40
CA SER A 149 1.14 -8.13 12.39
C SER A 149 1.02 -9.08 13.59
N SER A 150 0.48 -8.58 14.68
CA SER A 150 0.31 -9.40 15.88
C SER A 150 -0.99 -10.16 15.77
N GLU A 151 -2.07 -9.45 15.50
CA GLU A 151 -3.39 -10.05 15.42
C GLU A 151 -3.57 -11.05 14.29
N GLU A 152 -3.11 -10.71 13.10
CA GLU A 152 -3.31 -11.61 11.98
C GLU A 152 -2.06 -12.26 11.40
N GLY A 153 -0.92 -12.04 12.08
CA GLY A 153 0.34 -12.63 11.65
C GLY A 153 0.99 -12.23 10.32
N TRP A 154 0.59 -11.10 9.76
CA TRP A 154 1.14 -10.64 8.49
C TRP A 154 2.58 -10.15 8.62
N ARG A 155 3.39 -10.50 7.62
CA ARG A 155 4.76 -10.08 7.54
C ARG A 155 4.97 -9.47 6.15
N LEU A 156 5.55 -8.28 6.13
CA LEU A 156 5.84 -7.61 4.89
C LEU A 156 7.06 -8.26 4.22
N PHE A 157 6.88 -8.68 2.98
CA PHE A 157 7.94 -9.31 2.18
C PHE A 157 8.26 -8.39 0.99
N LYS A 158 9.48 -8.53 0.46
CA LYS A 158 9.94 -7.73 -0.67
C LYS A 158 10.75 -8.59 -1.61
N ILE A 159 10.70 -8.28 -2.91
CA ILE A 159 11.51 -8.95 -3.91
C ILE A 159 12.06 -7.77 -4.70
N ASP A 160 13.35 -7.56 -4.55
CA ASP A 160 14.05 -6.49 -5.21
C ASP A 160 14.26 -6.69 -6.70
N LYS A 161 14.64 -5.59 -7.34
CA LYS A 161 14.84 -5.51 -8.77
C LYS A 161 15.60 -6.62 -9.44
N GLU A 162 16.75 -7.03 -8.92
CA GLU A 162 17.49 -8.08 -9.60
C GLU A 162 16.70 -9.37 -9.75
N TYR A 163 15.87 -9.71 -8.77
CA TYR A 163 15.07 -10.93 -8.90
C TYR A 163 13.86 -10.67 -9.75
N LEU A 164 13.38 -9.44 -9.77
CA LEU A 164 12.22 -9.18 -10.62
C LEU A 164 12.70 -9.34 -12.07
N LEU A 165 13.89 -8.79 -12.35
CA LEU A 165 14.50 -8.85 -13.66
C LEU A 165 14.69 -10.33 -14.06
N LYS A 166 15.17 -11.14 -13.14
CA LYS A 166 15.36 -12.58 -13.39
C LYS A 166 14.05 -13.25 -13.81
N ALA A 168 11.31 -11.70 -14.96
CA ALA A 168 10.77 -11.10 -16.17
C ALA A 168 11.39 -11.69 -17.44
N THR A 169 12.69 -11.93 -17.39
CA THR A 169 13.43 -12.46 -18.52
C THR A 169 13.50 -13.99 -18.56
N GLU A 170 13.21 -14.64 -17.44
CA GLU A 170 13.29 -16.09 -17.40
C GLU A 170 12.44 -16.74 -18.48
N GLU A 171 11.18 -16.32 -18.58
CA GLU A 171 10.26 -16.86 -19.59
C GLU A 171 10.38 -18.38 -19.72
N ALA B 2 -4.90 -26.83 -18.66
CA ALA B 2 -5.66 -26.30 -19.78
C ALA B 2 -4.93 -25.14 -20.41
N LYS B 3 -5.32 -24.78 -21.63
CA LYS B 3 -4.69 -23.66 -22.32
C LYS B 3 -5.22 -22.41 -21.64
N PHE B 4 -4.37 -21.39 -21.50
CA PHE B 4 -4.77 -20.16 -20.82
C PHE B 4 -4.00 -18.95 -21.32
N VAL B 5 -4.57 -17.76 -21.12
CA VAL B 5 -3.90 -16.53 -21.48
C VAL B 5 -3.97 -15.55 -20.32
N ILE B 6 -2.93 -14.74 -20.18
CA ILE B 6 -2.89 -13.75 -19.10
C ILE B 6 -3.13 -12.42 -19.75
N ARG B 7 -4.07 -11.65 -19.21
CA ARG B 7 -4.36 -10.35 -19.79
C ARG B 7 -4.86 -9.38 -18.75
N PRO B 8 -4.93 -8.09 -19.10
CA PRO B 8 -5.42 -7.13 -18.13
C PRO B 8 -6.93 -7.28 -18.00
N ALA B 9 -7.44 -7.06 -16.81
CA ALA B 9 -8.87 -7.14 -16.58
C ALA B 9 -9.52 -5.88 -17.14
N THR B 10 -10.70 -6.00 -17.73
CA THR B 10 -11.40 -4.82 -18.27
C THR B 10 -12.68 -4.62 -17.48
N ALA B 11 -13.27 -3.45 -17.63
CA ALA B 11 -14.49 -3.13 -16.93
C ALA B 11 -15.41 -4.35 -17.01
N ALA B 12 -15.46 -4.95 -18.20
CA ALA B 12 -16.29 -6.11 -18.46
C ALA B 12 -16.06 -7.30 -17.54
N ASP B 13 -14.90 -7.35 -16.89
CA ASP B 13 -14.55 -8.49 -16.01
C ASP B 13 -14.80 -8.38 -14.51
N CYS B 14 -15.39 -7.29 -14.05
CA CYS B 14 -15.61 -7.11 -12.61
C CYS B 14 -16.36 -8.21 -11.85
N SER B 15 -17.41 -8.79 -12.44
CA SER B 15 -18.12 -9.87 -11.74
C SER B 15 -17.18 -11.06 -11.55
N ASP B 16 -16.24 -11.25 -12.46
CA ASP B 16 -15.29 -12.36 -12.29
C ASP B 16 -14.22 -12.00 -11.27
N ILE B 17 -13.86 -10.73 -11.20
CA ILE B 17 -12.87 -10.34 -10.20
C ILE B 17 -13.45 -10.59 -8.82
N LEU B 18 -14.67 -10.10 -8.58
CA LEU B 18 -15.32 -10.30 -7.28
C LEU B 18 -15.44 -11.78 -7.02
N ARG B 19 -15.84 -12.52 -8.05
CA ARG B 19 -15.99 -13.97 -7.91
C ARG B 19 -14.71 -14.61 -7.41
N LEU B 20 -13.58 -14.23 -8.01
CA LEU B 20 -12.30 -14.81 -7.60
C LEU B 20 -11.87 -14.30 -6.25
N ILE B 21 -12.19 -13.05 -5.94
CA ILE B 21 -11.84 -12.52 -4.63
C ILE B 21 -12.55 -13.42 -3.62
N LYS B 22 -13.81 -13.73 -3.88
CA LYS B 22 -14.57 -14.57 -2.97
C LYS B 22 -14.01 -15.98 -2.92
N GLU B 23 -13.57 -16.50 -4.07
CA GLU B 23 -13.00 -17.84 -4.07
C GLU B 23 -11.75 -17.83 -3.19
N LEU B 24 -10.97 -16.76 -3.26
CA LEU B 24 -9.75 -16.64 -2.45
C LEU B 24 -10.12 -16.55 -0.98
N ALA B 25 -11.19 -15.81 -0.70
CA ALA B 25 -11.68 -15.63 0.66
C ALA B 25 -12.26 -16.96 1.14
N ARG B 26 -13.05 -17.55 0.28
CA ARG B 26 -13.70 -18.83 0.53
C ARG B 26 -12.61 -19.87 0.81
N TYR B 27 -11.49 -19.74 0.09
CA TYR B 27 -10.31 -20.63 0.21
C TYR B 27 -9.61 -20.37 1.54
N GLU B 28 -9.98 -19.27 2.19
CA GLU B 28 -9.41 -18.90 3.48
C GLU B 28 -10.55 -18.71 4.47
N TYR B 29 -11.69 -19.35 4.19
CA TYR B 29 -12.89 -19.27 5.04
C TYR B 29 -13.24 -17.84 5.51
N GLU B 31 -15.05 -15.65 3.17
CA GLU B 31 -16.05 -15.14 2.22
C GLU B 31 -17.11 -14.15 2.72
N GLU B 32 -17.50 -14.27 3.99
CA GLU B 32 -18.50 -13.38 4.56
C GLU B 32 -17.94 -11.98 4.81
N GLN B 33 -16.62 -11.90 4.92
CA GLN B 33 -15.92 -10.64 5.17
C GLN B 33 -15.92 -9.74 3.93
N VAL B 34 -16.00 -10.37 2.76
CA VAL B 34 -16.00 -9.60 1.52
C VAL B 34 -17.25 -8.72 1.39
N ILE B 35 -17.05 -7.45 1.69
CA ILE B 35 -18.09 -6.43 1.67
C ILE B 35 -18.13 -5.78 0.29
N LEU B 36 -16.99 -5.85 -0.40
CA LEU B 36 -16.85 -5.29 -1.74
C LEU B 36 -17.95 -5.76 -2.68
N THR B 37 -18.41 -4.87 -3.54
CA THR B 37 -19.44 -5.20 -4.52
C THR B 37 -18.88 -4.98 -5.92
N GLU B 38 -19.61 -5.46 -6.92
CA GLU B 38 -19.21 -5.32 -8.32
C GLU B 38 -19.15 -3.83 -8.63
N LYS B 39 -20.12 -3.08 -8.09
CA LYS B 39 -20.16 -1.65 -8.30
C LYS B 39 -18.84 -0.97 -7.90
N ASP B 40 -18.31 -1.33 -6.72
CA ASP B 40 -17.05 -0.76 -6.24
C ASP B 40 -15.90 -1.11 -7.20
N LEU B 41 -15.74 -2.40 -7.48
CA LEU B 41 -14.68 -2.85 -8.39
C LEU B 41 -14.75 -2.05 -9.68
N LEU B 42 -15.96 -1.80 -10.17
CA LEU B 42 -16.12 -1.05 -11.41
C LEU B 42 -15.69 0.41 -11.27
N GLU B 43 -16.22 1.11 -10.27
CA GLU B 43 -15.87 2.51 -10.09
C GLU B 43 -14.41 2.70 -9.68
N ASP B 44 -13.92 1.83 -8.79
CA ASP B 44 -12.55 1.92 -8.28
C ASP B 44 -11.44 1.50 -9.22
N GLY B 45 -11.74 0.66 -10.19
CA GLY B 45 -10.69 0.19 -11.05
C GLY B 45 -10.74 0.62 -12.48
N PHE B 46 -11.82 1.27 -12.90
CA PHE B 46 -11.89 1.64 -14.30
C PHE B 46 -12.26 3.08 -14.59
N GLY B 47 -12.24 3.91 -13.57
CA GLY B 47 -12.55 5.32 -13.76
C GLY B 47 -11.29 6.04 -14.20
N GLU B 48 -11.27 7.34 -13.92
CA GLU B 48 -10.14 8.22 -14.24
C GLU B 48 -8.88 7.72 -13.51
N HIS B 49 -8.97 7.63 -12.19
CA HIS B 49 -7.84 7.19 -11.37
C HIS B 49 -8.11 5.80 -10.83
N PRO B 50 -7.50 4.78 -11.45
CA PRO B 50 -7.71 3.41 -10.97
C PRO B 50 -7.00 3.21 -9.63
N PHE B 51 -7.68 2.61 -8.67
CA PHE B 51 -7.09 2.38 -7.38
C PHE B 51 -6.43 1.01 -7.28
N TYR B 52 -6.66 0.16 -8.27
CA TYR B 52 -6.01 -1.14 -8.31
C TYR B 52 -5.89 -1.55 -9.76
N HIS B 53 -5.01 -2.51 -10.01
CA HIS B 53 -4.82 -3.04 -11.34
C HIS B 53 -4.99 -4.51 -11.20
N CYS B 54 -5.36 -5.16 -12.29
CA CYS B 54 -5.58 -6.57 -12.19
C CYS B 54 -5.29 -7.34 -13.46
N LEU B 55 -4.50 -8.38 -13.35
CA LEU B 55 -4.21 -9.29 -14.47
C LEU B 55 -5.10 -10.51 -14.20
N VAL B 56 -5.73 -11.03 -15.26
CA VAL B 56 -6.54 -12.23 -15.13
C VAL B 56 -6.05 -13.34 -16.06
N ALA B 57 -6.39 -14.58 -15.70
CA ALA B 57 -6.03 -15.76 -16.48
C ALA B 57 -7.33 -16.26 -17.10
N GLU B 58 -7.38 -16.31 -18.42
CA GLU B 58 -8.58 -16.74 -19.10
C GLU B 58 -8.36 -18.07 -19.81
N VAL B 59 -9.39 -18.91 -19.84
CA VAL B 59 -9.28 -20.21 -20.48
C VAL B 59 -10.33 -20.35 -21.57
N PRO B 60 -10.11 -21.27 -22.53
CA PRO B 60 -11.05 -21.49 -23.63
C PRO B 60 -12.38 -22.06 -23.15
N LYS B 61 -13.39 -21.98 -24.01
CA LYS B 61 -14.72 -22.46 -23.69
C LYS B 61 -14.76 -23.93 -23.22
N GLU B 62 -13.88 -24.76 -23.75
CA GLU B 62 -13.83 -26.18 -23.37
C GLU B 62 -13.29 -26.41 -21.97
N HIS B 63 -12.66 -25.39 -21.39
CA HIS B 63 -12.13 -25.56 -20.04
C HIS B 63 -12.80 -24.66 -19.03
N TRP B 64 -13.94 -24.12 -19.41
CA TRP B 64 -14.70 -23.26 -18.51
C TRP B 64 -14.98 -24.00 -17.20
N THR B 65 -15.28 -23.24 -16.16
CA THR B 65 -15.60 -23.83 -14.87
C THR B 65 -16.98 -24.45 -14.97
N PRO B 66 -17.32 -25.40 -14.09
CA PRO B 66 -18.65 -26.00 -14.16
C PRO B 66 -19.78 -24.95 -14.22
N GLU B 67 -19.54 -23.77 -13.64
CA GLU B 67 -20.54 -22.72 -13.69
C GLU B 67 -20.43 -21.94 -14.99
N GLY B 68 -19.54 -22.43 -15.86
CA GLY B 68 -19.33 -21.79 -17.15
C GLY B 68 -18.53 -20.49 -17.06
N HIS B 69 -17.40 -20.50 -16.38
CA HIS B 69 -16.59 -19.29 -16.24
C HIS B 69 -15.22 -19.42 -16.90
N SER B 70 -14.79 -18.36 -17.59
CA SER B 70 -13.50 -18.39 -18.29
C SER B 70 -12.27 -17.82 -17.56
N ILE B 71 -12.45 -17.34 -16.32
CA ILE B 71 -11.34 -16.78 -15.57
C ILE B 71 -11.08 -17.67 -14.36
N VAL B 72 -9.87 -18.18 -14.20
CA VAL B 72 -9.55 -19.12 -13.13
C VAL B 72 -8.49 -18.68 -12.15
N GLY B 73 -7.94 -17.49 -12.38
CA GLY B 73 -6.93 -16.96 -11.49
C GLY B 73 -6.77 -15.48 -11.71
N PHE B 74 -6.09 -14.82 -10.77
CA PHE B 74 -5.89 -13.38 -10.91
C PHE B 74 -4.85 -12.84 -9.96
N ALA B 75 -4.46 -11.60 -10.20
CA ALA B 75 -3.52 -10.89 -9.36
C ALA B 75 -4.03 -9.44 -9.33
N TYR B 77 -3.11 -5.61 -8.04
CA TYR B 77 -1.96 -4.87 -7.56
C TYR B 77 -2.13 -3.38 -7.81
N TYR B 78 -1.20 -2.63 -7.26
CA TYR B 78 -1.19 -1.19 -7.40
C TYR B 78 0.22 -0.73 -7.10
N PHE B 79 0.49 0.54 -7.36
CA PHE B 79 1.81 1.08 -7.16
C PHE B 79 1.86 1.93 -5.91
N THR B 80 2.97 1.83 -5.19
CA THR B 80 3.14 2.57 -3.95
C THR B 80 4.53 3.20 -4.03
N TYR B 81 4.93 3.90 -2.98
CA TYR B 81 6.24 4.52 -3.00
C TYR B 81 6.88 4.60 -1.62
N ASP B 82 8.20 4.43 -1.58
CA ASP B 82 8.91 4.54 -0.32
C ASP B 82 10.09 5.44 -0.54
N PRO B 83 10.14 6.54 0.21
CA PRO B 83 11.25 7.46 0.03
C PRO B 83 12.63 6.88 0.21
N TRP B 84 12.74 5.81 0.98
CA TRP B 84 14.04 5.20 1.13
C TRP B 84 14.11 3.83 0.44
N ILE B 85 13.30 3.66 -0.60
CA ILE B 85 13.34 2.44 -1.40
C ILE B 85 13.15 2.86 -2.86
N GLY B 86 12.05 3.53 -3.16
CA GLY B 86 11.79 3.95 -4.53
C GLY B 86 10.34 3.65 -4.88
N LYS B 87 10.00 3.64 -6.16
CA LYS B 87 8.62 3.33 -6.55
C LYS B 87 8.43 1.84 -6.44
N LEU B 88 7.28 1.40 -5.95
CA LEU B 88 7.07 -0.03 -5.76
C LEU B 88 5.83 -0.62 -6.41
N LEU B 89 5.92 -1.90 -6.76
CA LEU B 89 4.76 -2.60 -7.29
C LEU B 89 4.29 -3.33 -6.04
N TYR B 90 3.03 -3.18 -5.68
CA TYR B 90 2.51 -3.83 -4.47
C TYR B 90 1.48 -4.87 -4.89
N LEU B 91 1.80 -6.14 -4.63
CA LEU B 91 0.93 -7.26 -4.98
C LEU B 91 -0.06 -7.52 -3.85
N GLU B 92 -1.30 -7.12 -4.05
CA GLU B 92 -2.31 -7.27 -3.03
C GLU B 92 -2.89 -8.70 -2.88
N ASP B 93 -3.28 -9.29 -4.00
CA ASP B 93 -3.89 -10.62 -4.06
C ASP B 93 -3.34 -11.37 -5.24
N PHE B 94 -3.15 -12.67 -5.05
CA PHE B 94 -2.59 -13.54 -6.08
C PHE B 94 -3.27 -14.90 -5.88
N PHE B 95 -4.07 -15.34 -6.85
CA PHE B 95 -4.75 -16.62 -6.68
C PHE B 95 -5.19 -17.31 -7.96
N VAL B 96 -5.09 -18.64 -7.97
CA VAL B 96 -5.52 -19.48 -9.08
C VAL B 96 -6.49 -20.56 -8.54
N SER B 98 -8.39 -24.14 -7.94
CA SER B 98 -7.85 -25.49 -7.80
C SER B 98 -7.55 -26.33 -9.03
N ASP B 99 -8.59 -26.64 -9.80
CA ASP B 99 -8.41 -27.46 -10.99
C ASP B 99 -7.63 -26.78 -12.12
N TYR B 100 -6.92 -25.69 -11.79
CA TYR B 100 -6.14 -24.95 -12.79
C TYR B 100 -4.71 -24.60 -12.38
N ARG B 101 -4.29 -25.08 -11.21
CA ARG B 101 -2.94 -24.83 -10.72
C ARG B 101 -1.99 -25.90 -11.25
N GLY B 102 -0.70 -25.65 -11.13
CA GLY B 102 0.30 -26.60 -11.62
C GLY B 102 0.44 -26.63 -13.14
N PHE B 103 -0.14 -25.64 -13.82
CA PHE B 103 -0.05 -25.61 -15.27
C PHE B 103 0.71 -24.40 -15.80
N GLY B 104 1.38 -23.68 -14.90
CA GLY B 104 2.15 -22.51 -15.29
C GLY B 104 1.44 -21.17 -15.21
N ILE B 105 0.18 -21.18 -14.82
CA ILE B 105 -0.57 -19.94 -14.72
C ILE B 105 0.06 -18.92 -13.77
N GLY B 106 0.42 -19.37 -12.58
CA GLY B 106 0.99 -18.48 -11.60
C GLY B 106 2.33 -17.91 -12.00
N SER B 107 3.17 -18.76 -12.58
CA SER B 107 4.50 -18.37 -13.01
C SER B 107 4.39 -17.27 -14.05
N GLU B 108 3.42 -17.45 -14.94
CA GLU B 108 3.22 -16.53 -16.00
C GLU B 108 2.81 -15.18 -15.47
N ILE B 109 1.93 -15.20 -14.48
CA ILE B 109 1.44 -13.97 -13.87
C ILE B 109 2.60 -13.22 -13.23
N LEU B 110 3.41 -13.91 -12.43
CA LEU B 110 4.58 -13.28 -11.81
C LEU B 110 5.56 -12.77 -12.86
N LYS B 111 5.66 -13.48 -13.98
CA LYS B 111 6.53 -13.03 -15.05
C LYS B 111 6.00 -11.69 -15.62
N ASN B 112 4.71 -11.61 -15.95
CA ASN B 112 4.18 -10.36 -16.52
C ASN B 112 4.18 -9.22 -15.49
N LEU B 113 3.95 -9.54 -14.22
CA LEU B 113 3.98 -8.52 -13.19
C LEU B 113 5.40 -7.98 -13.09
N SER B 114 6.41 -8.84 -13.25
CA SER B 114 7.80 -8.39 -13.17
C SER B 114 8.13 -7.44 -14.32
N GLN B 115 7.56 -7.71 -15.49
CA GLN B 115 7.78 -6.90 -16.67
C GLN B 115 7.06 -5.58 -16.45
N VAL B 116 5.88 -5.63 -15.88
CA VAL B 116 5.18 -4.38 -15.60
C VAL B 116 6.03 -3.54 -14.66
N ALA B 117 6.64 -4.22 -13.67
CA ALA B 117 7.47 -3.55 -12.69
C ALA B 117 8.68 -2.90 -13.36
N ARG B 119 8.82 -1.93 -16.45
CA ARG B 119 8.27 -0.85 -17.27
C ARG B 119 8.03 0.41 -16.44
N CYS B 120 7.46 0.24 -15.25
CA CYS B 120 7.15 1.35 -14.36
C CYS B 120 8.32 1.83 -13.53
N ARG B 121 9.48 1.22 -13.73
CA ARG B 121 10.69 1.59 -13.01
C ARG B 121 10.51 1.40 -11.50
N CYS B 122 10.10 0.21 -11.11
CA CYS B 122 9.90 -0.12 -9.70
C CYS B 122 11.17 -0.74 -9.14
N SER B 123 11.53 -0.31 -7.93
CA SER B 123 12.72 -0.82 -7.26
C SER B 123 12.51 -2.19 -6.67
N SER B 124 11.27 -2.51 -6.34
CA SER B 124 10.96 -3.83 -5.81
C SER B 124 9.47 -4.07 -5.77
N HIS B 126 6.43 -5.54 -3.26
CA HIS B 126 6.10 -5.80 -1.86
C HIS B 126 4.79 -6.58 -1.76
N PHE B 127 4.67 -7.42 -0.73
CA PHE B 127 3.46 -8.21 -0.51
C PHE B 127 3.48 -8.82 0.91
N LEU B 128 2.29 -9.20 1.39
CA LEU B 128 2.15 -9.77 2.72
C LEU B 128 1.99 -11.28 2.66
N VAL B 129 2.56 -11.94 3.64
CA VAL B 129 2.49 -13.37 3.79
C VAL B 129 2.29 -13.62 5.30
N ALA B 130 1.39 -14.54 5.66
CA ALA B 130 1.13 -14.91 7.06
C ALA B 130 2.37 -15.60 7.63
N GLU B 131 2.74 -15.28 8.87
CA GLU B 131 3.95 -15.87 9.47
C GLU B 131 3.97 -17.40 9.50
N TRP B 132 2.81 -18.02 9.67
CA TRP B 132 2.74 -19.47 9.70
C TRP B 132 2.59 -20.14 8.33
N ASN B 133 2.46 -19.38 7.26
CA ASN B 133 2.29 -20.03 5.96
C ASN B 133 3.62 -20.36 5.31
N GLU B 134 4.29 -21.36 5.90
CA GLU B 134 5.61 -21.78 5.47
C GLU B 134 5.72 -22.17 3.99
N PRO B 135 4.71 -22.87 3.42
CA PRO B 135 4.82 -23.25 2.00
C PRO B 135 4.93 -22.02 1.08
N SER B 136 4.14 -21.00 1.40
CA SER B 136 4.08 -19.76 0.66
C SER B 136 5.38 -18.97 0.89
N ILE B 137 5.81 -18.93 2.15
CA ILE B 137 7.05 -18.24 2.51
C ILE B 137 8.21 -18.78 1.68
N ASN B 138 8.23 -20.08 1.42
CA ASN B 138 9.33 -20.66 0.68
C ASN B 138 9.19 -20.49 -0.84
N PHE B 139 7.95 -20.45 -1.29
CA PHE B 139 7.65 -20.22 -2.69
C PHE B 139 8.27 -18.86 -3.06
N TYR B 140 8.10 -17.87 -2.20
CA TYR B 140 8.63 -16.54 -2.45
C TYR B 140 10.12 -16.42 -2.15
N LYS B 141 10.59 -17.10 -1.12
CA LYS B 141 12.01 -17.06 -0.81
C LYS B 141 12.76 -17.69 -1.99
N ARG B 142 12.22 -18.76 -2.55
CA ARG B 142 12.86 -19.42 -3.69
C ARG B 142 13.01 -18.46 -4.85
N ARG B 143 12.24 -17.38 -4.83
CA ARG B 143 12.28 -16.37 -5.88
C ARG B 143 13.00 -15.10 -5.44
N GLY B 144 13.78 -15.20 -4.37
CA GLY B 144 14.54 -14.05 -3.90
C GLY B 144 13.86 -13.11 -2.92
N ALA B 145 12.73 -13.50 -2.36
CA ALA B 145 12.05 -12.61 -1.44
C ALA B 145 12.69 -12.64 -0.06
N SER B 146 12.59 -11.55 0.67
CA SER B 146 13.13 -11.54 2.03
C SER B 146 11.99 -11.03 2.94
N ASP B 147 12.01 -11.44 4.21
CA ASP B 147 10.98 -11.03 5.18
C ASP B 147 11.41 -9.70 5.75
N LEU B 148 10.94 -8.63 5.14
CA LEU B 148 11.34 -7.31 5.58
C LEU B 148 10.80 -7.00 6.97
N SER B 149 9.61 -7.49 7.30
CA SER B 149 9.06 -7.24 8.62
C SER B 149 10.01 -7.74 9.72
N SER B 150 10.53 -8.96 9.57
CA SER B 150 11.39 -9.50 10.62
C SER B 150 12.83 -9.07 10.53
N GLU B 151 13.30 -8.83 9.31
CA GLU B 151 14.69 -8.43 9.16
C GLU B 151 14.91 -7.01 9.62
N GLU B 152 13.96 -6.12 9.35
CA GLU B 152 14.12 -4.72 9.74
C GLU B 152 13.24 -4.24 10.88
N GLY B 153 12.44 -5.13 11.43
CA GLY B 153 11.58 -4.75 12.53
C GLY B 153 10.44 -3.81 12.22
N TRP B 154 9.60 -4.16 11.24
CA TRP B 154 8.44 -3.35 10.88
C TRP B 154 7.15 -4.13 11.18
N ARG B 155 6.14 -3.44 11.73
CA ARG B 155 4.84 -4.05 12.03
C ARG B 155 3.74 -3.28 11.31
N LEU B 156 2.82 -4.00 10.70
CA LEU B 156 1.71 -3.38 9.99
C LEU B 156 0.61 -3.07 10.98
N PHE B 157 0.13 -1.83 10.95
CA PHE B 157 -0.95 -1.38 11.81
C PHE B 157 -2.12 -0.88 10.97
N LYS B 158 -3.29 -0.82 11.58
CA LYS B 158 -4.47 -0.31 10.91
C LYS B 158 -5.36 0.43 11.92
N ILE B 159 -6.12 1.39 11.41
CA ILE B 159 -7.09 2.11 12.21
C ILE B 159 -8.36 1.99 11.38
N ASP B 160 -9.33 1.22 11.87
CA ASP B 160 -10.59 0.99 11.15
C ASP B 160 -11.51 2.21 11.07
N LYS B 161 -12.48 2.13 10.17
CA LYS B 161 -13.42 3.21 9.92
C LYS B 161 -14.04 3.88 11.13
N GLU B 162 -14.53 3.11 12.10
CA GLU B 162 -15.17 3.75 13.25
C GLU B 162 -14.27 4.77 13.95
N TYR B 163 -12.98 4.49 14.04
CA TYR B 163 -12.07 5.42 14.69
C TYR B 163 -11.71 6.56 13.74
N LEU B 164 -11.63 6.27 12.44
CA LEU B 164 -11.30 7.36 11.54
C LEU B 164 -12.47 8.34 11.57
N LEU B 165 -13.70 7.83 11.65
CA LEU B 165 -14.85 8.72 11.68
C LEU B 165 -14.84 9.56 12.94
N LYS B 166 -14.51 8.94 14.07
CA LYS B 166 -14.42 9.68 15.34
C LYS B 166 -13.42 10.82 15.23
N ALA B 168 -12.33 12.26 12.47
CA ALA B 168 -12.71 13.21 11.43
C ALA B 168 -13.73 14.23 11.96
N THR B 169 -14.61 13.80 12.86
CA THR B 169 -15.65 14.67 13.41
C THR B 169 -15.41 15.19 14.83
N GLU B 170 -14.33 14.74 15.48
CA GLU B 170 -13.98 15.16 16.84
C GLU B 170 -14.05 16.67 16.97
N GLU B 171 -14.90 17.14 17.89
CA GLU B 171 -15.08 18.23 18.85
C GLU B 171 -15.76 19.48 18.27
#